data_1E1N
#
_entry.id   1E1N
#
_cell.length_a   57.800
_cell.length_b   62.000
_cell.length_c   83.000
_cell.angle_alpha   90.00
_cell.angle_beta   107.10
_cell.angle_gamma   90.00
#
_symmetry.space_group_name_H-M   'P 1 21 1'
#
loop_
_entity.id
_entity.type
_entity.pdbx_description
1 polymer 'ADRENODOXIN REDUCTASE'
2 non-polymer 'FLAVIN-ADENINE DINUCLEOTIDE'
3 water water
#
_entity_poly.entity_id   1
_entity_poly.type   'polypeptide(L)'
_entity_poly.pdbx_seq_one_letter_code
;STQEQTPQICVVGSGPAGFYTAQHLLKHHSRAHVDIYEKQLVPFGLVRFGVAPDHPEVKNVINTFTQTARSDRCAFYGNV
EVGRDVTVQELQDAYHAVVLSYGAEDHQALDIPGEELPGVFSARAFVGWYNGLPENRELAPDLSCDTAVILGQGNVALDV
ARILLTPPDHLEKTDITEAALGALRQSRVKTVWIVGRRGPLQVAFTIKELREMIQLPGTRPMLDPADFLGLQDRIKEAAR
PRKRLMELLLRTATEKPGVEEAARRASASRAWGLRFFRSPQQVLPSPDGRRAAGIRLAVTRLEGIGEATRAVPTGDVEDL
PCGLVLSSIGYKSRPIDPSVPFDPKLGVVPNMEGRVVDVPGLYCSGWVKRGPTGVITTTMTDSFLTGQILLQDLKAGHLP
SGPRPGSAFIKALLDSRGVWPVSFSDWEKLDAEEVSRGQASGKPREKLLDPQEMLRLLGH
;
_entity_poly.pdbx_strand_id   A
#
loop_
_chem_comp.id
_chem_comp.type
_chem_comp.name
_chem_comp.formula
FAD non-polymer 'FLAVIN-ADENINE DINUCLEOTIDE' 'C27 H33 N9 O15 P2'
#
# COMPACT_ATOMS: atom_id res chain seq x y z
N THR A 6 0.83 -33.19 15.47
CA THR A 6 1.36 -31.96 14.91
C THR A 6 0.26 -30.94 14.64
N PRO A 7 0.28 -29.81 15.35
CA PRO A 7 -0.69 -28.75 15.16
C PRO A 7 -0.61 -28.20 13.74
N GLN A 8 -1.77 -27.87 13.18
CA GLN A 8 -1.83 -27.39 11.81
C GLN A 8 -2.40 -26.00 11.71
N ILE A 9 -1.46 -25.04 11.46
CA ILE A 9 -2.06 -23.67 11.38
C ILE A 9 -1.91 -23.16 9.97
N CYS A 10 -2.74 -22.20 9.56
CA CYS A 10 -2.54 -21.70 8.20
C CYS A 10 -2.91 -20.20 8.18
N VAL A 11 -2.26 -19.50 7.25
CA VAL A 11 -2.52 -18.10 7.11
C VAL A 11 -2.95 -17.72 5.70
N VAL A 12 -3.82 -16.74 5.64
CA VAL A 12 -4.36 -16.19 4.42
C VAL A 12 -3.80 -14.81 4.11
N GLY A 13 -2.86 -14.72 3.21
CA GLY A 13 -2.24 -13.47 2.75
C GLY A 13 -0.75 -13.64 2.95
N SER A 14 0.10 -13.29 2.00
CA SER A 14 1.52 -13.54 2.29
C SER A 14 2.30 -12.25 2.32
N GLY A 15 1.64 -11.22 2.89
CA GLY A 15 2.29 -9.89 3.00
C GLY A 15 2.94 -9.90 4.39
N PRO A 16 3.36 -8.76 4.87
CA PRO A 16 3.93 -8.67 6.20
C PRO A 16 3.03 -9.30 7.27
N ALA A 17 1.74 -9.05 7.33
CA ALA A 17 0.88 -9.67 8.38
C ALA A 17 1.07 -11.17 8.47
N GLY A 18 0.89 -11.86 7.30
CA GLY A 18 1.09 -13.26 7.23
C GLY A 18 2.47 -13.78 7.55
N PHE A 19 3.50 -13.24 6.91
CA PHE A 19 4.83 -13.77 7.13
C PHE A 19 5.28 -13.55 8.56
N TYR A 20 4.98 -12.35 9.06
CA TYR A 20 5.35 -12.03 10.44
C TYR A 20 4.54 -12.88 11.41
N THR A 21 3.27 -13.19 11.14
CA THR A 21 2.52 -14.02 12.09
C THR A 21 3.09 -15.44 12.04
N ALA A 22 3.46 -15.91 10.86
CA ALA A 22 4.03 -17.28 10.76
C ALA A 22 5.40 -17.35 11.44
N GLN A 23 6.09 -16.21 11.32
CA GLN A 23 7.44 -16.13 11.88
C GLN A 23 7.36 -16.41 13.38
N HIS A 24 6.44 -15.70 14.04
CA HIS A 24 6.26 -15.91 15.48
C HIS A 24 5.82 -17.34 15.76
N LEU A 25 4.85 -17.87 15.02
CA LEU A 25 4.33 -19.22 15.28
C LEU A 25 5.39 -20.30 15.24
N LEU A 26 6.25 -20.12 14.21
CA LEU A 26 7.32 -21.07 13.97
C LEU A 26 8.37 -20.98 15.06
N LYS A 27 8.57 -19.76 15.55
CA LYS A 27 9.65 -19.60 16.55
C LYS A 27 9.23 -20.05 17.93
N HIS A 28 7.99 -19.80 18.30
CA HIS A 28 7.47 -20.17 19.59
C HIS A 28 6.77 -21.49 19.70
N HIS A 29 6.61 -22.27 18.61
CA HIS A 29 5.99 -23.57 18.75
C HIS A 29 6.82 -24.55 17.91
N SER A 30 7.58 -25.39 18.60
CA SER A 30 8.49 -26.28 17.96
C SER A 30 7.97 -27.26 16.94
N ARG A 31 6.70 -27.70 16.96
CA ARG A 31 6.28 -28.64 15.94
C ARG A 31 5.13 -28.14 15.08
N ALA A 32 4.59 -26.96 15.30
CA ALA A 32 3.45 -26.53 14.47
C ALA A 32 3.83 -26.40 13.00
N HIS A 33 2.87 -26.62 12.11
CA HIS A 33 3.14 -26.50 10.67
C HIS A 33 2.33 -25.29 10.21
N VAL A 34 2.92 -24.45 9.34
CA VAL A 34 2.16 -23.27 8.93
C VAL A 34 2.06 -23.23 7.42
N ASP A 35 0.89 -23.03 6.88
CA ASP A 35 0.78 -22.98 5.42
C ASP A 35 0.34 -21.53 5.08
N ILE A 36 0.98 -20.95 4.05
CA ILE A 36 0.60 -19.58 3.71
C ILE A 36 -0.10 -19.55 2.37
N TYR A 37 -1.37 -19.15 2.37
CA TYR A 37 -2.10 -19.11 1.09
C TYR A 37 -2.01 -17.70 0.54
N GLU A 38 -1.81 -17.55 -0.74
CA GLU A 38 -1.74 -16.24 -1.37
C GLU A 38 -2.48 -16.28 -2.71
N LYS A 39 -3.26 -15.24 -2.99
CA LYS A 39 -3.95 -15.17 -4.26
C LYS A 39 -3.03 -14.82 -5.43
N GLN A 40 -2.09 -13.90 -5.26
CA GLN A 40 -1.18 -13.56 -6.38
C GLN A 40 -0.28 -14.76 -6.58
N LEU A 41 0.50 -14.85 -7.66
CA LEU A 41 1.36 -16.03 -7.80
C LEU A 41 2.65 -15.95 -7.01
N VAL A 42 3.02 -14.76 -6.61
CA VAL A 42 4.25 -14.47 -5.87
C VAL A 42 3.87 -13.95 -4.50
N PRO A 43 4.72 -14.16 -3.53
CA PRO A 43 4.37 -13.70 -2.17
C PRO A 43 4.83 -12.28 -1.91
N PHE A 44 4.67 -11.84 -0.65
CA PHE A 44 5.15 -10.59 -0.10
C PHE A 44 4.19 -9.43 -0.17
N GLY A 45 3.07 -9.60 -0.85
CA GLY A 45 2.10 -8.54 -0.91
C GLY A 45 2.57 -7.15 -1.13
N LEU A 46 2.08 -6.17 -0.37
CA LEU A 46 2.50 -4.78 -0.57
C LEU A 46 3.96 -4.53 -0.33
N VAL A 47 4.80 -5.45 0.17
CA VAL A 47 6.22 -5.07 0.24
C VAL A 47 6.75 -4.97 -1.19
N ARG A 48 6.18 -5.78 -2.07
CA ARG A 48 6.50 -5.88 -3.48
C ARG A 48 5.60 -5.02 -4.34
N PHE A 49 4.32 -4.93 -4.07
CA PHE A 49 3.42 -4.15 -4.94
C PHE A 49 3.06 -2.77 -4.46
N GLY A 50 3.53 -2.44 -3.29
CA GLY A 50 3.14 -1.13 -2.70
C GLY A 50 4.37 -0.28 -2.46
N VAL A 51 5.34 -0.79 -1.73
CA VAL A 51 6.57 0.00 -1.50
C VAL A 51 7.16 0.44 -2.83
N ALA A 52 7.35 1.73 -3.06
CA ALA A 52 7.90 2.31 -4.29
C ALA A 52 9.21 1.68 -4.73
N PRO A 53 9.54 1.74 -6.01
CA PRO A 53 10.72 1.15 -6.58
C PRO A 53 12.06 1.82 -6.23
N ASP A 54 11.99 3.09 -5.84
CA ASP A 54 13.11 3.88 -5.44
C ASP A 54 13.24 3.85 -3.92
N HIS A 55 12.67 2.87 -3.25
CA HIS A 55 12.80 2.63 -1.82
C HIS A 55 13.14 1.15 -1.61
N PRO A 56 14.14 0.62 -2.29
CA PRO A 56 14.48 -0.77 -2.18
C PRO A 56 14.85 -1.17 -0.78
N GLU A 57 15.40 -0.27 0.03
CA GLU A 57 15.82 -0.54 1.38
C GLU A 57 14.64 -0.90 2.29
N VAL A 58 13.46 -0.38 1.99
CA VAL A 58 12.25 -0.68 2.77
C VAL A 58 11.84 -2.12 2.45
N LYS A 59 12.09 -2.55 1.19
CA LYS A 59 11.76 -3.91 0.83
C LYS A 59 12.82 -4.85 1.41
N ASN A 60 13.75 -4.51 2.32
CA ASN A 60 14.65 -5.63 2.67
C ASN A 60 14.05 -6.60 3.65
N VAL A 61 12.80 -6.45 4.10
CA VAL A 61 12.14 -7.40 5.00
C VAL A 61 11.88 -8.71 4.29
N ILE A 62 11.90 -8.70 2.95
CA ILE A 62 11.80 -9.87 2.10
C ILE A 62 12.85 -10.89 2.55
N ASN A 63 14.02 -10.38 2.99
CA ASN A 63 15.06 -11.25 3.54
C ASN A 63 14.51 -12.00 4.75
N THR A 64 13.72 -11.44 5.65
CA THR A 64 13.21 -12.27 6.76
C THR A 64 12.02 -13.10 6.34
N PHE A 65 11.16 -12.62 5.44
CA PHE A 65 10.10 -13.47 4.89
C PHE A 65 10.66 -14.77 4.34
N THR A 66 11.67 -14.66 3.48
CA THR A 66 12.34 -15.80 2.87
C THR A 66 12.91 -16.77 3.86
N GLN A 67 13.64 -16.38 4.90
CA GLN A 67 14.16 -17.41 5.82
C GLN A 67 13.04 -18.14 6.55
N THR A 68 11.89 -17.52 6.72
CA THR A 68 10.71 -18.08 7.37
C THR A 68 10.06 -19.13 6.46
N ALA A 69 9.95 -18.78 5.19
CA ALA A 69 9.46 -19.62 4.15
C ALA A 69 10.39 -20.80 3.86
N ARG A 70 11.62 -20.79 4.33
CA ARG A 70 12.54 -21.89 4.06
C ARG A 70 12.57 -22.82 5.25
N SER A 71 11.81 -22.50 6.31
CA SER A 71 11.76 -23.44 7.44
C SER A 71 11.13 -24.75 6.92
N ASP A 72 11.58 -25.90 7.39
CA ASP A 72 10.99 -27.16 6.97
C ASP A 72 9.56 -27.38 7.45
N ARG A 73 8.97 -26.51 8.24
CA ARG A 73 7.64 -26.55 8.73
C ARG A 73 6.81 -25.43 8.13
N CYS A 74 7.21 -24.83 7.04
CA CYS A 74 6.38 -23.76 6.46
C CYS A 74 6.18 -24.07 4.97
N ALA A 75 5.05 -23.75 4.39
CA ALA A 75 4.88 -23.98 2.97
C ALA A 75 3.95 -22.84 2.52
N PHE A 76 4.28 -22.41 1.32
CA PHE A 76 3.63 -21.34 0.61
C PHE A 76 2.73 -21.89 -0.47
N TYR A 77 1.54 -21.36 -0.66
CA TYR A 77 0.56 -21.77 -1.63
C TYR A 77 0.10 -20.57 -2.46
N GLY A 78 0.91 -20.22 -3.46
CA GLY A 78 0.60 -19.11 -4.34
C GLY A 78 -0.49 -19.43 -5.33
N ASN A 79 -1.14 -18.42 -5.90
CA ASN A 79 -2.23 -18.67 -6.86
C ASN A 79 -3.39 -19.35 -6.22
N VAL A 80 -3.78 -19.06 -5.00
CA VAL A 80 -4.95 -19.69 -4.35
C VAL A 80 -5.80 -18.56 -3.77
N GLU A 81 -6.85 -18.12 -4.45
CA GLU A 81 -7.69 -17.06 -3.96
C GLU A 81 -8.75 -17.53 -2.95
N VAL A 82 -8.48 -17.32 -1.65
CA VAL A 82 -9.37 -17.72 -0.58
C VAL A 82 -10.68 -16.95 -0.71
N GLY A 83 -11.77 -17.73 -0.73
CA GLY A 83 -13.10 -17.13 -0.86
C GLY A 83 -13.63 -17.34 -2.28
N ARG A 84 -12.87 -18.06 -3.09
CA ARG A 84 -13.19 -18.41 -4.46
C ARG A 84 -12.59 -19.78 -4.79
N ASP A 85 -11.31 -20.05 -4.64
CA ASP A 85 -10.70 -21.32 -4.91
C ASP A 85 -10.95 -22.32 -3.78
N VAL A 86 -10.98 -21.75 -2.58
CA VAL A 86 -11.20 -22.51 -1.35
C VAL A 86 -11.88 -21.56 -0.37
N THR A 87 -12.87 -22.01 0.37
CA THR A 87 -13.57 -21.15 1.32
C THR A 87 -12.78 -21.16 2.64
N VAL A 88 -13.12 -20.20 3.48
CA VAL A 88 -12.54 -20.05 4.80
C VAL A 88 -12.98 -21.21 5.68
N GLN A 89 -14.25 -21.63 5.54
CA GLN A 89 -14.72 -22.76 6.32
C GLN A 89 -13.90 -24.02 6.05
N GLU A 90 -13.44 -24.18 4.78
CA GLU A 90 -12.70 -25.39 4.40
C GLU A 90 -11.37 -25.38 5.11
N LEU A 91 -10.83 -24.14 5.04
CA LEU A 91 -9.55 -23.92 5.75
C LEU A 91 -9.81 -24.21 7.22
N GLN A 92 -10.89 -23.69 7.76
CA GLN A 92 -11.24 -23.92 9.16
C GLN A 92 -11.39 -25.40 9.50
N ASP A 93 -12.03 -26.25 8.66
CA ASP A 93 -12.17 -27.66 9.01
C ASP A 93 -10.86 -28.41 8.88
N ALA A 94 -9.96 -27.99 8.00
CA ALA A 94 -8.68 -28.60 7.72
C ALA A 94 -7.53 -28.38 8.71
N TYR A 95 -7.52 -27.26 9.38
CA TYR A 95 -6.50 -26.81 10.32
C TYR A 95 -7.02 -26.56 11.72
N HIS A 96 -6.15 -26.50 12.75
CA HIS A 96 -6.59 -26.18 14.09
C HIS A 96 -6.80 -24.68 14.26
N ALA A 97 -6.14 -23.89 13.41
CA ALA A 97 -6.30 -22.43 13.55
C ALA A 97 -6.14 -21.75 12.21
N VAL A 98 -6.89 -20.67 11.98
CA VAL A 98 -6.81 -19.98 10.68
C VAL A 98 -6.67 -18.49 10.90
N VAL A 99 -5.61 -17.91 10.28
CA VAL A 99 -5.31 -16.49 10.42
C VAL A 99 -5.66 -15.67 9.21
N LEU A 100 -6.67 -14.79 9.37
CA LEU A 100 -7.01 -13.91 8.24
C LEU A 100 -6.02 -12.75 8.21
N SER A 101 -5.22 -12.60 7.18
CA SER A 101 -4.26 -11.52 7.03
C SER A 101 -4.14 -11.09 5.58
N TYR A 102 -5.30 -10.94 4.95
CA TYR A 102 -5.30 -10.68 3.51
C TYR A 102 -5.40 -9.22 3.11
N GLY A 103 -4.95 -8.31 3.96
CA GLY A 103 -4.91 -6.90 3.73
C GLY A 103 -6.21 -6.16 3.58
N ALA A 104 -6.16 -5.03 2.90
CA ALA A 104 -7.28 -4.17 2.63
C ALA A 104 -7.22 -3.77 1.14
N GLU A 105 -7.75 -4.63 0.29
CA GLU A 105 -7.74 -4.56 -1.14
C GLU A 105 -8.47 -3.39 -1.78
N ASP A 106 -9.66 -2.99 -1.34
CA ASP A 106 -10.30 -1.88 -2.03
C ASP A 106 -9.61 -0.56 -1.70
N HIS A 107 -10.11 0.45 -2.39
CA HIS A 107 -9.68 1.84 -2.17
C HIS A 107 -11.03 2.53 -1.88
N GLN A 108 -11.04 3.63 -1.14
CA GLN A 108 -12.36 4.26 -0.90
C GLN A 108 -12.59 5.17 -2.10
N ALA A 109 -13.72 5.01 -2.76
CA ALA A 109 -13.98 5.86 -3.92
C ALA A 109 -14.09 7.32 -3.49
N LEU A 110 -13.89 8.19 -4.48
CA LEU A 110 -14.00 9.63 -4.24
C LEU A 110 -15.44 10.03 -3.94
N ASP A 111 -16.37 9.39 -4.67
CA ASP A 111 -17.80 9.62 -4.55
C ASP A 111 -18.25 11.00 -4.99
N ILE A 112 -17.57 11.58 -5.99
CA ILE A 112 -17.91 12.89 -6.48
C ILE A 112 -18.18 12.89 -7.98
N PRO A 113 -19.05 13.78 -8.43
CA PRO A 113 -19.36 13.88 -9.85
C PRO A 113 -18.09 14.11 -10.66
N GLY A 114 -17.95 13.33 -11.72
CA GLY A 114 -16.84 13.37 -12.62
C GLY A 114 -15.72 12.40 -12.29
N GLU A 115 -15.84 11.62 -11.22
CA GLU A 115 -14.81 10.68 -10.80
C GLU A 115 -14.53 9.53 -11.74
N GLU A 116 -15.34 9.38 -12.76
CA GLU A 116 -15.31 8.39 -13.78
C GLU A 116 -14.46 8.80 -14.99
N LEU A 117 -14.35 10.10 -15.21
CA LEU A 117 -13.61 10.66 -16.31
C LEU A 117 -12.22 10.07 -16.46
N PRO A 118 -11.79 9.84 -17.70
CA PRO A 118 -10.48 9.31 -18.01
C PRO A 118 -9.41 10.25 -17.45
N GLY A 119 -8.48 9.66 -16.70
CA GLY A 119 -7.45 10.50 -16.09
C GLY A 119 -7.61 10.52 -14.57
N VAL A 120 -8.71 9.97 -14.07
CA VAL A 120 -8.96 9.92 -12.63
C VAL A 120 -8.58 8.54 -12.14
N PHE A 121 -7.57 8.40 -11.30
CA PHE A 121 -7.21 7.07 -10.85
C PHE A 121 -7.06 7.06 -9.32
N SER A 122 -7.10 5.85 -8.78
CA SER A 122 -6.82 5.76 -7.35
C SER A 122 -5.27 5.64 -7.25
N ALA A 123 -4.68 6.35 -6.32
CA ALA A 123 -3.25 6.32 -6.11
C ALA A 123 -2.72 4.90 -5.98
N ARG A 124 -3.34 4.06 -5.18
CA ARG A 124 -2.91 2.67 -5.05
C ARG A 124 -2.87 1.94 -6.38
N ALA A 125 -3.75 2.22 -7.33
CA ALA A 125 -3.73 1.53 -8.63
C ALA A 125 -2.57 2.06 -9.47
N PHE A 126 -2.33 3.36 -9.36
CA PHE A 126 -1.20 3.97 -10.08
C PHE A 126 0.12 3.35 -9.61
N VAL A 127 0.27 2.99 -8.35
CA VAL A 127 1.44 2.35 -7.76
C VAL A 127 1.54 0.91 -8.19
N GLY A 128 0.36 0.28 -8.41
CA GLY A 128 0.36 -1.13 -8.85
C GLY A 128 0.85 -1.15 -10.30
N TRP A 129 0.43 -0.10 -11.03
CA TRP A 129 0.86 0.03 -12.42
C TRP A 129 2.38 -0.03 -12.51
N TYR A 130 3.03 0.90 -11.77
CA TYR A 130 4.50 0.90 -11.77
C TYR A 130 5.09 -0.25 -10.96
N ASN A 131 4.32 -0.82 -10.02
CA ASN A 131 4.88 -1.89 -9.21
C ASN A 131 4.68 -3.28 -9.76
N GLY A 132 4.02 -3.41 -10.91
CA GLY A 132 3.87 -4.68 -11.58
C GLY A 132 2.79 -5.55 -11.01
N LEU A 133 1.78 -4.95 -10.38
CA LEU A 133 0.68 -5.77 -9.85
C LEU A 133 -0.12 -6.07 -11.13
N PRO A 134 -0.23 -7.34 -11.47
CA PRO A 134 -0.89 -7.76 -12.68
C PRO A 134 -2.20 -7.11 -12.97
N GLU A 135 -3.13 -6.97 -12.04
CA GLU A 135 -4.40 -6.35 -12.38
C GLU A 135 -4.28 -4.92 -12.85
N ASN A 136 -3.15 -4.23 -12.71
CA ASN A 136 -3.08 -2.84 -13.16
C ASN A 136 -2.22 -2.73 -14.41
N ARG A 137 -1.74 -3.86 -14.89
CA ARG A 137 -0.87 -3.87 -16.06
C ARG A 137 -1.38 -3.01 -17.19
N GLU A 138 -2.67 -3.01 -17.50
CA GLU A 138 -3.15 -2.20 -18.63
C GLU A 138 -3.78 -0.88 -18.21
N LEU A 139 -3.27 -0.26 -17.14
CA LEU A 139 -3.80 0.99 -16.63
C LEU A 139 -3.54 2.19 -17.53
N ALA A 140 -2.54 2.12 -18.36
CA ALA A 140 -2.11 3.10 -19.32
C ALA A 140 -2.55 4.53 -19.05
N PRO A 141 -1.90 5.17 -18.08
CA PRO A 141 -2.21 6.54 -17.68
C PRO A 141 -1.72 7.53 -18.71
N ASP A 142 -2.54 8.55 -18.94
CA ASP A 142 -2.24 9.56 -19.96
C ASP A 142 -1.38 10.65 -19.33
N LEU A 143 -0.07 10.44 -19.40
CA LEU A 143 0.89 11.37 -18.84
C LEU A 143 1.23 12.53 -19.77
N SER A 144 0.38 12.86 -20.72
CA SER A 144 0.55 13.93 -21.68
C SER A 144 0.10 15.29 -21.18
N CYS A 145 -0.60 15.36 -20.05
CA CYS A 145 -1.03 16.67 -19.53
C CYS A 145 0.14 17.33 -18.83
N ASP A 146 0.05 18.58 -18.34
CA ASP A 146 1.24 19.11 -17.69
C ASP A 146 1.11 19.19 -16.18
N THR A 147 -0.04 18.82 -15.62
CA THR A 147 -0.22 18.91 -14.17
C THR A 147 -0.96 17.75 -13.56
N ALA A 148 -0.63 17.34 -12.35
CA ALA A 148 -1.32 16.25 -11.66
C ALA A 148 -1.80 16.63 -10.27
N VAL A 149 -3.02 16.35 -9.87
CA VAL A 149 -3.49 16.71 -8.52
C VAL A 149 -3.69 15.41 -7.77
N ILE A 150 -3.16 15.35 -6.56
CA ILE A 150 -3.27 14.15 -5.72
C ILE A 150 -4.11 14.52 -4.50
N LEU A 151 -5.17 13.80 -4.24
CA LEU A 151 -6.02 14.16 -3.09
C LEU A 151 -5.58 13.33 -1.90
N GLY A 152 -5.27 14.00 -0.80
CA GLY A 152 -4.81 13.32 0.41
C GLY A 152 -3.32 13.50 0.67
N GLN A 153 -2.98 13.96 1.88
CA GLN A 153 -1.59 14.18 2.23
C GLN A 153 -0.90 13.16 3.12
N GLY A 154 -0.68 11.97 2.62
CA GLY A 154 0.04 10.90 3.29
C GLY A 154 1.23 10.47 2.42
N ASN A 155 1.98 9.48 2.91
CA ASN A 155 3.13 8.97 2.19
C ASN A 155 2.83 8.39 0.83
N VAL A 156 1.69 7.76 0.65
CA VAL A 156 1.34 7.19 -0.65
C VAL A 156 1.30 8.35 -1.65
N ALA A 157 0.63 9.44 -1.30
CA ALA A 157 0.58 10.64 -2.12
C ALA A 157 2.01 11.09 -2.43
N LEU A 158 2.84 11.13 -1.35
CA LEU A 158 4.23 11.51 -1.56
C LEU A 158 4.91 10.56 -2.53
N ASP A 159 4.70 9.25 -2.30
CA ASP A 159 5.27 8.28 -3.22
C ASP A 159 4.86 8.53 -4.66
N VAL A 160 3.60 8.71 -5.06
CA VAL A 160 3.34 8.92 -6.49
C VAL A 160 3.89 10.26 -6.99
N ALA A 161 3.86 11.29 -6.16
CA ALA A 161 4.37 12.61 -6.55
C ALA A 161 5.82 12.47 -6.97
N ARG A 162 6.62 11.84 -6.12
CA ARG A 162 8.01 11.56 -6.34
C ARG A 162 8.30 10.83 -7.65
N ILE A 163 7.52 9.80 -7.95
CA ILE A 163 7.67 9.02 -9.17
C ILE A 163 7.24 9.81 -10.38
N LEU A 164 6.28 10.74 -10.29
CA LEU A 164 5.92 11.51 -11.47
C LEU A 164 6.94 12.61 -11.77
N LEU A 165 7.77 12.97 -10.80
CA LEU A 165 8.72 14.05 -10.94
C LEU A 165 10.17 13.62 -10.91
N THR A 166 10.54 12.44 -10.40
CA THR A 166 11.97 12.10 -10.46
C THR A 166 12.39 12.11 -11.92
N PRO A 167 13.56 12.60 -12.26
CA PRO A 167 14.04 12.59 -13.66
C PRO A 167 14.19 11.12 -14.04
N PRO A 168 13.53 10.69 -15.10
CA PRO A 168 13.51 9.30 -15.49
C PRO A 168 14.77 8.50 -15.42
N ASP A 169 15.94 9.08 -15.68
CA ASP A 169 17.22 8.40 -15.61
C ASP A 169 17.57 7.98 -14.19
N HIS A 170 17.09 8.68 -13.16
CA HIS A 170 17.37 8.28 -11.77
C HIS A 170 16.58 7.05 -11.36
N LEU A 171 15.56 6.65 -12.09
CA LEU A 171 14.68 5.52 -11.92
C LEU A 171 15.11 4.27 -12.65
N GLU A 172 15.87 4.49 -13.70
CA GLU A 172 16.45 3.54 -14.62
C GLU A 172 17.03 2.28 -14.01
N LYS A 173 17.70 2.33 -12.87
CA LYS A 173 18.27 1.13 -12.26
C LYS A 173 17.41 0.58 -11.14
N THR A 174 16.16 1.04 -11.02
CA THR A 174 15.28 0.54 -9.97
C THR A 174 14.55 -0.70 -10.50
N ASP A 175 13.63 -1.24 -9.71
CA ASP A 175 12.89 -2.41 -10.22
C ASP A 175 11.56 -1.97 -10.78
N ILE A 176 11.39 -0.70 -11.08
CA ILE A 176 10.16 -0.21 -11.71
C ILE A 176 9.97 -0.99 -13.01
N THR A 177 8.72 -1.21 -13.45
CA THR A 177 8.48 -1.95 -14.67
C THR A 177 9.05 -1.22 -15.89
N GLU A 178 9.52 -2.01 -16.87
CA GLU A 178 10.11 -1.40 -18.07
C GLU A 178 9.06 -0.53 -18.77
N ALA A 179 7.83 -1.00 -18.79
CA ALA A 179 6.69 -0.36 -19.39
C ALA A 179 6.27 0.96 -18.74
N ALA A 180 6.37 1.07 -17.42
CA ALA A 180 6.01 2.31 -16.73
C ALA A 180 7.13 3.33 -16.92
N LEU A 181 8.37 2.84 -16.88
CA LEU A 181 9.53 3.68 -17.09
C LEU A 181 9.41 4.42 -18.42
N GLY A 182 9.11 3.68 -19.48
CA GLY A 182 8.91 4.20 -20.82
C GLY A 182 7.75 5.20 -20.82
N ALA A 183 6.72 4.94 -20.01
CA ALA A 183 5.62 5.91 -19.96
C ALA A 183 6.11 7.21 -19.33
N LEU A 184 6.87 7.13 -18.25
CA LEU A 184 7.43 8.30 -17.58
C LEU A 184 8.37 9.08 -18.48
N ARG A 185 9.14 8.41 -19.35
CA ARG A 185 10.06 9.07 -20.25
C ARG A 185 9.36 10.06 -21.17
N GLN A 186 8.16 9.76 -21.63
CA GLN A 186 7.43 10.63 -22.54
C GLN A 186 6.45 11.54 -21.79
N SER A 187 6.38 11.37 -20.48
CA SER A 187 5.45 12.16 -19.68
C SER A 187 5.76 13.65 -19.80
N ARG A 188 4.69 14.44 -19.86
CA ARG A 188 4.80 15.88 -19.95
C ARG A 188 4.46 16.51 -18.60
N VAL A 189 4.25 15.69 -17.58
CA VAL A 189 3.88 16.15 -16.25
C VAL A 189 5.04 16.89 -15.60
N LYS A 190 4.84 18.21 -15.44
CA LYS A 190 5.82 19.10 -14.86
C LYS A 190 5.48 19.68 -13.51
N THR A 191 4.27 19.52 -12.99
CA THR A 191 3.84 20.05 -11.69
C THR A 191 2.95 19.10 -10.93
N VAL A 192 3.08 18.94 -9.62
CA VAL A 192 2.23 18.03 -8.85
C VAL A 192 1.70 18.66 -7.57
N TRP A 193 0.38 18.83 -7.48
CA TRP A 193 -0.20 19.42 -6.28
C TRP A 193 -0.75 18.30 -5.38
N ILE A 194 -0.35 18.29 -4.13
CA ILE A 194 -0.79 17.34 -3.11
C ILE A 194 -1.81 18.07 -2.23
N VAL A 195 -3.09 17.97 -2.58
CA VAL A 195 -4.16 18.64 -1.85
C VAL A 195 -4.75 17.92 -0.66
N GLY A 196 -4.88 18.61 0.48
CA GLY A 196 -5.46 18.02 1.69
C GLY A 196 -6.67 18.84 2.15
N ARG A 197 -7.55 18.33 3.00
CA ARG A 197 -8.69 19.16 3.42
C ARG A 197 -8.42 19.87 4.74
N ARG A 198 -7.52 19.31 5.53
CA ARG A 198 -7.23 19.99 6.82
C ARG A 198 -5.99 20.82 6.64
N GLY A 199 -5.18 21.01 7.67
CA GLY A 199 -3.99 21.84 7.52
C GLY A 199 -2.69 21.15 7.81
N PRO A 200 -1.59 21.93 7.70
CA PRO A 200 -0.25 21.46 7.94
C PRO A 200 -0.17 20.59 9.18
N LEU A 201 -0.87 20.97 10.26
CA LEU A 201 -0.88 20.18 11.46
C LEU A 201 -1.40 18.76 11.22
N GLN A 202 -2.39 18.61 10.36
CA GLN A 202 -2.96 17.30 10.08
C GLN A 202 -2.36 16.53 8.92
N VAL A 203 -1.29 16.96 8.23
CA VAL A 203 -0.76 16.13 7.16
C VAL A 203 -0.41 14.79 7.84
N ALA A 204 -0.37 13.71 7.12
CA ALA A 204 -0.09 12.41 7.73
C ALA A 204 1.25 11.86 7.24
N PHE A 205 1.95 12.60 6.39
CA PHE A 205 3.24 12.09 5.93
C PHE A 205 4.28 12.08 7.05
N THR A 206 5.45 11.46 6.75
CA THR A 206 6.51 11.41 7.73
C THR A 206 7.75 12.09 7.15
N ILE A 207 8.61 12.50 8.08
CA ILE A 207 9.82 13.24 7.79
C ILE A 207 10.77 12.68 6.76
N LYS A 208 10.98 11.38 6.69
CA LYS A 208 11.89 10.77 5.70
C LYS A 208 11.33 10.96 4.31
N GLU A 209 10.01 10.91 4.17
CA GLU A 209 9.46 11.12 2.83
C GLU A 209 9.40 12.60 2.53
N LEU A 210 8.95 13.42 3.48
CA LEU A 210 8.89 14.86 3.24
C LEU A 210 10.19 15.49 2.80
N ARG A 211 11.30 15.06 3.39
CA ARG A 211 12.59 15.61 3.05
C ARG A 211 13.10 15.03 1.74
N GLU A 212 12.66 13.83 1.35
CA GLU A 212 13.11 13.30 0.06
C GLU A 212 12.38 14.11 -1.03
N MET A 213 11.20 14.59 -0.66
CA MET A 213 10.40 15.34 -1.61
C MET A 213 11.05 16.68 -1.90
N ILE A 214 11.51 17.34 -0.84
CA ILE A 214 12.18 18.64 -0.96
C ILE A 214 13.53 18.60 -1.64
N GLN A 215 14.30 17.53 -1.48
CA GLN A 215 15.61 17.39 -2.07
C GLN A 215 15.65 16.62 -3.38
N LEU A 216 14.51 16.31 -3.98
CA LEU A 216 14.35 15.56 -5.21
C LEU A 216 14.87 16.32 -6.43
N PRO A 217 15.99 15.88 -6.95
CA PRO A 217 16.64 16.55 -8.06
C PRO A 217 15.73 16.95 -9.20
N GLY A 218 15.94 18.18 -9.68
CA GLY A 218 15.20 18.76 -10.77
C GLY A 218 13.87 19.36 -10.35
N THR A 219 13.53 19.32 -9.07
CA THR A 219 12.26 19.84 -8.60
C THR A 219 12.40 20.98 -7.60
N ARG A 220 11.34 21.76 -7.45
CA ARG A 220 11.32 22.86 -6.50
C ARG A 220 9.97 22.88 -5.78
N PRO A 221 9.99 22.94 -4.46
CA PRO A 221 8.80 22.98 -3.63
C PRO A 221 8.04 24.28 -3.74
N MET A 222 6.74 24.26 -3.56
CA MET A 222 5.87 25.40 -3.62
C MET A 222 4.89 25.44 -2.44
N LEU A 223 5.36 25.91 -1.29
CA LEU A 223 4.51 26.01 -0.11
C LEU A 223 4.08 27.47 0.06
N ASP A 224 2.88 27.70 0.54
CA ASP A 224 2.44 29.09 0.76
C ASP A 224 2.71 29.45 2.24
N PRO A 225 3.45 30.54 2.42
CA PRO A 225 3.78 31.03 3.76
C PRO A 225 2.55 31.16 4.63
N ALA A 226 1.48 31.73 4.10
CA ALA A 226 0.21 31.94 4.76
C ALA A 226 -0.45 30.73 5.39
N ASP A 227 -0.17 29.52 4.94
CA ASP A 227 -0.76 28.31 5.50
C ASP A 227 -0.14 27.93 6.83
N PHE A 228 1.10 28.39 6.99
CA PHE A 228 1.91 28.12 8.16
C PHE A 228 1.99 29.26 9.17
N LEU A 229 0.98 30.15 9.23
CA LEU A 229 0.98 31.22 10.21
C LEU A 229 0.56 30.63 11.58
N GLY A 230 1.35 30.97 12.60
CA GLY A 230 1.05 30.47 13.93
C GLY A 230 1.43 28.99 14.04
N LEU A 231 2.32 28.56 13.13
CA LEU A 231 2.70 27.15 13.18
C LEU A 231 3.62 26.89 14.36
N GLN A 232 4.71 27.67 14.43
CA GLN A 232 5.75 27.53 15.43
C GLN A 232 5.26 27.67 16.87
N ASP A 233 4.12 28.30 17.07
CA ASP A 233 3.50 28.54 18.33
C ASP A 233 2.58 27.41 18.82
N ARG A 234 2.10 26.62 17.87
CA ARG A 234 1.18 25.54 18.21
C ARG A 234 1.95 24.27 18.47
N ILE A 235 3.12 24.19 17.85
CA ILE A 235 3.98 23.02 18.02
C ILE A 235 4.95 23.17 19.17
N LYS A 236 4.86 24.27 19.91
CA LYS A 236 5.68 24.56 21.07
C LYS A 236 5.77 23.35 22.00
N GLU A 237 4.64 22.77 22.38
CA GLU A 237 4.54 21.62 23.28
C GLU A 237 4.63 20.26 22.60
N ALA A 238 4.54 20.21 21.29
CA ALA A 238 4.59 19.02 20.48
C ALA A 238 5.78 18.09 20.71
N ALA A 239 5.51 16.78 20.64
CA ALA A 239 6.52 15.73 20.79
C ALA A 239 7.53 15.81 19.64
N ARG A 240 8.72 15.23 19.79
CA ARG A 240 9.80 15.30 18.82
C ARG A 240 9.37 15.02 17.39
N PRO A 241 8.79 13.87 17.09
CA PRO A 241 8.38 13.53 15.75
C PRO A 241 7.54 14.57 15.04
N ARG A 242 6.45 14.97 15.64
CA ARG A 242 5.51 15.92 15.12
C ARG A 242 6.15 17.27 14.86
N LYS A 243 6.87 17.75 15.86
CA LYS A 243 7.51 19.04 15.87
C LYS A 243 8.58 19.16 14.81
N ARG A 244 9.44 18.13 14.75
CA ARG A 244 10.52 18.19 13.73
C ARG A 244 9.85 18.32 12.39
N LEU A 245 8.89 17.46 12.04
CA LEU A 245 8.16 17.52 10.80
C LEU A 245 7.62 18.91 10.49
N MET A 246 6.93 19.43 11.49
CA MET A 246 6.30 20.74 11.36
C MET A 246 7.32 21.84 11.13
N GLU A 247 8.48 21.77 11.79
CA GLU A 247 9.49 22.81 11.54
C GLU A 247 10.06 22.60 10.15
N LEU A 248 10.12 21.34 9.68
CA LEU A 248 10.65 21.12 8.33
C LEU A 248 9.70 21.75 7.33
N LEU A 249 8.39 21.65 7.58
CA LEU A 249 7.45 22.31 6.67
C LEU A 249 7.56 23.82 6.81
N LEU A 250 7.65 24.28 8.04
CA LEU A 250 7.76 25.68 8.39
C LEU A 250 8.96 26.32 7.71
N ARG A 251 10.16 25.74 7.93
CA ARG A 251 11.38 26.22 7.36
C ARG A 251 11.35 26.31 5.83
N THR A 252 10.77 25.30 5.18
CA THR A 252 10.75 25.25 3.73
C THR A 252 9.81 26.29 3.16
N ALA A 253 8.81 26.64 3.95
CA ALA A 253 7.80 27.60 3.56
C ALA A 253 8.15 29.05 3.81
N THR A 254 8.86 29.37 4.91
CA THR A 254 9.15 30.76 5.19
C THR A 254 10.57 31.25 5.11
N GLU A 255 11.60 30.44 5.13
CA GLU A 255 12.99 30.88 5.05
C GLU A 255 13.53 31.07 3.65
N LYS A 256 14.42 32.03 3.49
CA LYS A 256 15.09 32.29 2.19
C LYS A 256 16.23 31.23 2.15
N PRO A 257 16.31 30.46 1.08
CA PRO A 257 17.18 29.35 0.91
C PRO A 257 18.69 29.33 0.97
N GLY A 258 19.35 30.10 0.14
CA GLY A 258 20.81 30.15 0.03
C GLY A 258 21.12 30.65 -1.38
N VAL A 259 22.36 30.64 -1.83
CA VAL A 259 22.59 31.13 -3.21
C VAL A 259 22.58 29.94 -4.15
N GLU A 260 23.02 28.80 -3.60
CA GLU A 260 23.07 27.57 -4.38
C GLU A 260 21.67 26.92 -4.44
N GLU A 261 20.96 26.92 -3.33
CA GLU A 261 19.62 26.29 -3.34
C GLU A 261 18.60 27.20 -4.00
N ALA A 262 18.79 28.52 -3.98
CA ALA A 262 17.89 29.46 -4.64
C ALA A 262 18.04 29.27 -6.17
N ALA A 263 19.28 29.02 -6.58
CA ALA A 263 19.65 28.80 -7.96
C ALA A 263 19.15 27.47 -8.51
N ARG A 264 19.26 26.41 -7.70
CA ARG A 264 18.78 25.09 -8.09
C ARG A 264 17.27 25.13 -8.34
N ARG A 265 16.51 25.76 -7.45
CA ARG A 265 15.08 25.93 -7.58
C ARG A 265 14.79 26.76 -8.84
N ALA A 266 15.62 27.76 -9.10
CA ALA A 266 15.49 28.62 -10.26
C ALA A 266 15.53 27.87 -11.59
N SER A 267 16.39 26.85 -11.69
CA SER A 267 16.53 26.09 -12.92
C SER A 267 15.80 24.76 -12.96
N ALA A 268 15.09 24.40 -11.90
CA ALA A 268 14.35 23.13 -11.88
C ALA A 268 13.22 23.18 -12.90
N SER A 269 13.08 22.16 -13.73
CA SER A 269 12.01 22.16 -14.74
C SER A 269 10.67 21.74 -14.18
N ARG A 270 10.66 20.95 -13.11
CA ARG A 270 9.45 20.49 -12.47
C ARG A 270 9.24 21.09 -11.08
N ALA A 271 8.01 21.04 -10.59
CA ALA A 271 7.66 21.59 -9.30
C ALA A 271 6.62 20.80 -8.54
N TRP A 272 6.51 21.00 -7.22
CA TRP A 272 5.50 20.29 -6.43
C TRP A 272 5.09 21.15 -5.24
N GLY A 273 3.78 21.25 -5.02
CA GLY A 273 3.33 22.06 -3.89
C GLY A 273 2.44 21.26 -2.94
N LEU A 274 1.99 21.96 -1.92
CA LEU A 274 1.12 21.33 -0.90
C LEU A 274 -0.03 22.33 -0.76
N ARG A 275 -1.27 21.89 -1.03
CA ARG A 275 -2.43 22.79 -0.94
C ARG A 275 -3.16 22.43 0.33
N PHE A 276 -3.84 23.36 0.99
CA PHE A 276 -4.52 23.06 2.25
C PHE A 276 -5.95 23.61 2.23
N PHE A 277 -6.74 23.11 3.18
CA PHE A 277 -8.12 23.47 3.39
C PHE A 277 -8.88 23.48 2.06
N ARG A 278 -8.89 22.33 1.41
CA ARG A 278 -9.56 22.15 0.13
C ARG A 278 -10.08 20.71 0.11
N SER A 279 -11.35 20.56 -0.29
CA SER A 279 -11.89 19.21 -0.35
C SER A 279 -12.45 19.02 -1.76
N PRO A 280 -12.33 17.80 -2.25
CA PRO A 280 -12.74 17.46 -3.59
C PRO A 280 -14.23 17.57 -3.77
N GLN A 281 -14.64 18.43 -4.71
CA GLN A 281 -16.05 18.58 -5.00
C GLN A 281 -16.44 17.97 -6.34
N GLN A 282 -15.68 18.17 -7.41
CA GLN A 282 -16.08 17.61 -8.70
C GLN A 282 -14.97 17.51 -9.73
N VAL A 283 -14.92 16.41 -10.53
CA VAL A 283 -13.84 16.44 -11.55
C VAL A 283 -14.40 17.25 -12.71
N LEU A 284 -13.58 18.16 -13.23
CA LEU A 284 -14.04 19.06 -14.31
C LEU A 284 -13.70 18.45 -15.64
N PRO A 285 -14.64 18.44 -16.57
CA PRO A 285 -14.47 17.87 -17.88
C PRO A 285 -13.73 18.72 -18.89
N SER A 286 -12.99 18.07 -19.81
CA SER A 286 -12.33 18.86 -20.87
C SER A 286 -13.48 19.31 -21.76
N PRO A 287 -13.28 20.28 -22.63
CA PRO A 287 -14.34 20.77 -23.51
C PRO A 287 -15.10 19.69 -24.24
N ASP A 288 -14.41 18.70 -24.78
CA ASP A 288 -15.02 17.60 -25.51
C ASP A 288 -15.47 16.42 -24.68
N GLY A 289 -15.39 16.43 -23.37
CA GLY A 289 -15.83 15.35 -22.53
C GLY A 289 -15.00 14.09 -22.55
N ARG A 290 -13.89 14.10 -23.31
CA ARG A 290 -13.11 12.83 -23.43
C ARG A 290 -12.12 12.67 -22.22
N ARG A 291 -11.89 13.69 -21.39
CA ARG A 291 -10.97 13.51 -20.27
C ARG A 291 -11.07 14.57 -19.18
N ALA A 292 -10.31 14.30 -18.11
CA ALA A 292 -10.24 15.27 -16.99
C ALA A 292 -9.42 16.50 -17.42
N ALA A 293 -9.83 17.68 -16.99
CA ALA A 293 -9.14 18.92 -17.35
C ALA A 293 -9.02 19.85 -16.12
N GLY A 294 -9.44 19.31 -14.99
CA GLY A 294 -9.36 20.01 -13.73
C GLY A 294 -10.20 19.42 -12.62
N ILE A 295 -10.03 19.96 -11.41
CA ILE A 295 -10.80 19.54 -10.25
C ILE A 295 -11.27 20.77 -9.47
N ARG A 296 -12.53 20.78 -9.15
CA ARG A 296 -13.33 21.75 -8.42
C ARG A 296 -13.23 21.44 -6.93
N LEU A 297 -12.49 22.28 -6.21
CA LEU A 297 -12.26 22.14 -4.79
C LEU A 297 -13.11 23.10 -3.97
N ALA A 298 -13.60 22.61 -2.84
CA ALA A 298 -14.40 23.42 -1.93
C ALA A 298 -13.50 23.99 -0.84
N VAL A 299 -13.51 25.29 -0.54
CA VAL A 299 -12.69 25.82 0.54
C VAL A 299 -13.25 25.42 1.90
N THR A 300 -12.38 24.99 2.80
CA THR A 300 -12.73 24.58 4.15
C THR A 300 -12.05 25.42 5.23
N ARG A 301 -12.60 25.41 6.43
CA ARG A 301 -12.06 26.15 7.60
C ARG A 301 -12.06 25.18 8.78
N LEU A 302 -10.96 25.05 9.52
CA LEU A 302 -10.89 24.11 10.63
C LEU A 302 -11.64 24.59 11.87
N GLU A 303 -12.29 23.69 12.59
CA GLU A 303 -13.01 23.99 13.82
C GLU A 303 -12.72 22.93 14.87
N GLY A 304 -13.07 23.15 16.13
CA GLY A 304 -12.73 22.15 17.17
C GLY A 304 -11.25 22.26 17.54
N ILE A 305 -10.81 21.44 18.51
CA ILE A 305 -9.44 21.47 19.01
C ILE A 305 -8.71 20.15 18.76
N GLY A 306 -7.40 20.27 18.88
CA GLY A 306 -6.37 19.22 18.81
C GLY A 306 -6.47 18.17 17.72
N GLU A 307 -6.73 16.92 18.11
CA GLU A 307 -6.83 15.79 17.20
C GLU A 307 -8.27 15.61 16.67
N ALA A 308 -9.15 16.47 17.13
CA ALA A 308 -10.57 16.44 16.79
C ALA A 308 -11.01 17.55 15.86
N THR A 309 -10.10 18.19 15.13
CA THR A 309 -10.47 19.26 14.22
C THR A 309 -11.11 18.69 12.95
N ARG A 310 -12.27 19.24 12.58
CA ARG A 310 -13.01 18.82 11.40
C ARG A 310 -13.15 19.99 10.43
N ALA A 311 -12.81 19.82 9.16
CA ALA A 311 -12.96 20.94 8.24
C ALA A 311 -14.44 21.19 7.93
N VAL A 312 -14.80 22.44 7.75
CA VAL A 312 -16.16 22.81 7.40
C VAL A 312 -16.04 23.72 6.16
N PRO A 313 -16.92 23.51 5.20
CA PRO A 313 -16.89 24.33 3.98
C PRO A 313 -17.13 25.78 4.37
N THR A 314 -16.57 26.72 3.63
CA THR A 314 -16.79 28.14 3.94
C THR A 314 -17.92 28.63 3.02
N GLY A 315 -18.04 27.94 1.89
CA GLY A 315 -19.01 28.26 0.87
C GLY A 315 -18.27 28.50 -0.46
N ASP A 316 -17.02 28.91 -0.33
CA ASP A 316 -16.11 29.20 -1.43
C ASP A 316 -15.57 27.94 -2.10
N VAL A 317 -15.25 28.08 -3.38
CA VAL A 317 -14.73 27.00 -4.19
C VAL A 317 -13.55 27.51 -5.03
N GLU A 318 -12.76 26.55 -5.51
CA GLU A 318 -11.60 26.86 -6.33
C GLU A 318 -11.45 25.84 -7.47
N ASP A 319 -11.29 26.34 -8.69
CA ASP A 319 -11.09 25.44 -9.83
C ASP A 319 -9.58 25.29 -10.04
N LEU A 320 -9.09 24.04 -10.00
CA LEU A 320 -7.66 23.81 -10.16
C LEU A 320 -7.38 22.88 -11.33
N PRO A 321 -6.96 23.46 -12.45
CA PRO A 321 -6.64 22.77 -13.67
C PRO A 321 -5.64 21.65 -13.55
N CYS A 322 -5.86 20.56 -14.33
CA CYS A 322 -4.92 19.44 -14.26
C CYS A 322 -5.41 18.33 -15.18
N GLY A 323 -4.59 17.40 -15.60
CA GLY A 323 -5.04 16.32 -16.49
C GLY A 323 -4.85 14.94 -15.87
N LEU A 324 -4.75 14.95 -14.55
CA LEU A 324 -4.56 13.73 -13.80
C LEU A 324 -5.07 13.95 -12.37
N VAL A 325 -6.04 13.18 -11.98
CA VAL A 325 -6.54 13.30 -10.61
C VAL A 325 -6.27 11.95 -9.96
N LEU A 326 -5.39 11.94 -8.99
CA LEU A 326 -4.99 10.74 -8.28
C LEU A 326 -5.56 10.75 -6.87
N SER A 327 -6.36 9.77 -6.54
CA SER A 327 -6.97 9.74 -5.20
C SER A 327 -6.26 8.80 -4.28
N SER A 328 -5.84 9.26 -3.10
CA SER A 328 -5.10 8.36 -2.22
C SER A 328 -5.68 8.35 -0.81
N ILE A 329 -6.88 8.86 -0.63
CA ILE A 329 -7.54 8.97 0.64
C ILE A 329 -8.11 7.78 1.36
N GLY A 330 -7.68 6.53 1.26
CA GLY A 330 -8.30 5.51 2.10
C GLY A 330 -8.48 4.16 1.51
N TYR A 331 -7.96 3.14 2.19
CA TYR A 331 -8.09 1.76 1.67
C TYR A 331 -9.09 1.08 2.61
N LYS A 332 -9.74 0.02 2.17
CA LYS A 332 -10.72 -0.62 3.08
C LYS A 332 -10.71 -2.12 2.84
N SER A 333 -10.87 -2.91 3.89
CA SER A 333 -10.88 -4.35 3.67
C SER A 333 -12.20 -4.74 2.99
N ARG A 334 -12.17 -5.93 2.38
CA ARG A 334 -13.37 -6.43 1.73
C ARG A 334 -13.74 -7.75 2.41
N PRO A 335 -15.03 -8.00 2.41
CA PRO A 335 -15.54 -9.28 2.95
C PRO A 335 -15.20 -10.33 1.89
N ILE A 336 -14.43 -11.31 2.27
CA ILE A 336 -13.88 -12.38 1.48
C ILE A 336 -14.73 -13.64 1.36
N ASP A 337 -15.41 -14.04 2.41
CA ASP A 337 -16.21 -15.28 2.44
C ASP A 337 -17.50 -14.98 3.15
N PRO A 338 -18.56 -15.75 2.92
CA PRO A 338 -19.84 -15.53 3.56
C PRO A 338 -19.80 -15.70 5.07
N SER A 339 -19.07 -16.71 5.52
CA SER A 339 -18.92 -17.10 6.89
C SER A 339 -18.04 -16.23 7.78
N VAL A 340 -17.38 -15.22 7.22
CA VAL A 340 -16.52 -14.31 7.93
C VAL A 340 -17.16 -12.99 8.31
N PRO A 341 -17.18 -12.70 9.60
CA PRO A 341 -17.75 -11.47 10.13
C PRO A 341 -17.12 -10.25 9.49
N PHE A 342 -17.88 -9.16 9.40
CA PHE A 342 -17.35 -7.95 8.79
C PHE A 342 -18.01 -6.67 9.30
N ASP A 343 -17.18 -5.67 9.57
CA ASP A 343 -17.62 -4.34 10.03
C ASP A 343 -17.37 -3.36 8.88
N PRO A 344 -18.40 -3.09 8.08
CA PRO A 344 -18.33 -2.26 6.90
C PRO A 344 -17.97 -0.81 7.12
N LYS A 345 -18.19 -0.32 8.33
CA LYS A 345 -17.84 1.05 8.67
C LYS A 345 -16.31 1.19 8.65
N LEU A 346 -15.66 0.48 9.59
CA LEU A 346 -14.23 0.49 9.75
C LEU A 346 -13.50 -0.48 8.80
N GLY A 347 -14.21 -1.05 7.85
CA GLY A 347 -13.68 -1.99 6.88
C GLY A 347 -12.76 -3.02 7.54
N VAL A 348 -13.17 -3.58 8.67
CA VAL A 348 -12.29 -4.55 9.34
C VAL A 348 -13.07 -5.76 9.79
N VAL A 349 -12.39 -6.88 9.99
CA VAL A 349 -13.08 -8.07 10.48
C VAL A 349 -13.12 -8.00 12.00
N PRO A 350 -14.27 -7.79 12.60
CA PRO A 350 -14.40 -7.72 14.04
C PRO A 350 -13.58 -8.75 14.79
N ASN A 351 -12.75 -8.25 15.71
CA ASN A 351 -11.89 -9.07 16.53
C ASN A 351 -11.53 -8.40 17.87
N MET A 352 -11.08 -9.22 18.78
CA MET A 352 -10.69 -8.82 20.12
C MET A 352 -9.24 -9.29 20.27
N GLU A 353 -8.31 -8.36 20.01
CA GLU A 353 -6.90 -8.73 20.09
C GLU A 353 -6.49 -9.87 19.16
N GLY A 354 -7.18 -10.01 18.01
CA GLY A 354 -6.84 -11.08 17.10
C GLY A 354 -7.78 -12.27 17.09
N ARG A 355 -8.68 -12.43 18.07
CA ARG A 355 -9.64 -13.52 18.10
C ARG A 355 -10.88 -12.95 17.35
N VAL A 356 -11.29 -13.61 16.28
CA VAL A 356 -12.43 -13.07 15.55
C VAL A 356 -13.68 -13.24 16.40
N VAL A 357 -14.48 -12.19 16.40
CA VAL A 357 -15.71 -12.14 17.16
C VAL A 357 -16.65 -13.31 16.85
N ASP A 358 -16.77 -14.19 17.82
CA ASP A 358 -17.65 -15.32 17.89
C ASP A 358 -17.32 -16.53 17.01
N VAL A 359 -16.07 -16.70 16.57
CA VAL A 359 -15.69 -17.80 15.71
C VAL A 359 -14.39 -18.46 16.14
N PRO A 360 -14.45 -19.35 17.13
CA PRO A 360 -13.28 -20.05 17.61
C PRO A 360 -12.37 -20.55 16.51
N GLY A 361 -11.06 -20.53 16.73
CA GLY A 361 -10.05 -20.98 15.80
C GLY A 361 -9.79 -20.03 14.64
N LEU A 362 -10.48 -18.89 14.61
CA LEU A 362 -10.32 -17.93 13.55
C LEU A 362 -9.69 -16.64 14.04
N TYR A 363 -8.42 -16.42 13.68
CA TYR A 363 -7.69 -15.23 14.10
C TYR A 363 -7.52 -14.21 12.97
N CYS A 364 -6.91 -13.07 13.25
CA CYS A 364 -6.60 -12.05 12.28
C CYS A 364 -5.39 -11.20 12.69
N SER A 365 -4.75 -10.66 11.62
CA SER A 365 -3.58 -9.83 11.81
C SER A 365 -3.26 -8.96 10.62
N GLY A 366 -2.60 -7.82 10.91
CA GLY A 366 -2.26 -6.88 9.83
C GLY A 366 -3.35 -5.90 9.57
N TRP A 367 -3.40 -5.34 8.35
CA TRP A 367 -4.47 -4.38 8.06
C TRP A 367 -5.86 -4.89 8.26
N VAL A 368 -6.10 -6.18 8.00
CA VAL A 368 -7.50 -6.65 8.19
C VAL A 368 -7.88 -6.69 9.65
N LYS A 369 -6.94 -6.70 10.58
CA LYS A 369 -7.17 -6.71 12.00
C LYS A 369 -7.32 -5.34 12.64
N ARG A 370 -6.53 -4.36 12.21
CA ARG A 370 -6.57 -3.03 12.82
C ARG A 370 -6.99 -1.86 11.95
N GLY A 371 -7.23 -2.01 10.68
CA GLY A 371 -7.51 -0.86 9.79
C GLY A 371 -6.22 -0.67 8.97
N PRO A 372 -6.25 0.11 7.91
CA PRO A 372 -5.14 0.33 7.02
C PRO A 372 -4.13 1.41 7.35
N THR A 373 -3.84 1.67 8.62
CA THR A 373 -2.98 2.68 9.12
C THR A 373 -1.53 2.34 9.39
N GLY A 374 -1.23 1.17 9.92
CA GLY A 374 0.14 0.83 10.25
C GLY A 374 1.09 0.74 9.08
N VAL A 375 2.37 0.91 9.41
CA VAL A 375 3.44 0.79 8.44
C VAL A 375 3.96 -0.63 8.70
N ILE A 376 4.94 -1.11 8.04
CA ILE A 376 5.44 -2.48 8.21
C ILE A 376 5.84 -2.85 9.62
N THR A 377 6.45 -1.94 10.36
CA THR A 377 6.92 -2.27 11.71
C THR A 377 5.77 -2.46 12.66
N THR A 378 4.70 -1.66 12.55
CA THR A 378 3.53 -1.77 13.41
C THR A 378 2.90 -3.16 13.16
N THR A 379 2.61 -3.35 11.86
CA THR A 379 2.11 -4.60 11.33
C THR A 379 3.01 -5.73 11.87
N MET A 380 4.33 -5.54 11.84
CA MET A 380 5.25 -6.55 12.35
C MET A 380 4.93 -6.96 13.79
N THR A 381 5.06 -6.03 14.70
CA THR A 381 4.86 -6.19 16.12
C THR A 381 3.43 -6.63 16.46
N ASP A 382 2.46 -5.97 15.86
CA ASP A 382 1.06 -6.30 16.09
C ASP A 382 0.74 -7.74 15.67
N SER A 383 1.38 -8.20 14.58
CA SER A 383 1.19 -9.56 14.10
C SER A 383 1.78 -10.57 15.06
N PHE A 384 2.87 -10.18 15.77
CA PHE A 384 3.41 -11.10 16.74
C PHE A 384 2.43 -11.21 17.92
N LEU A 385 1.61 -10.19 18.13
CA LEU A 385 0.66 -10.18 19.24
C LEU A 385 -0.44 -11.21 18.94
N THR A 386 -0.89 -11.32 17.69
CA THR A 386 -1.88 -12.26 17.21
C THR A 386 -1.32 -13.68 17.32
N GLY A 387 -0.05 -13.87 16.97
CA GLY A 387 0.56 -15.17 17.13
C GLY A 387 0.60 -15.50 18.63
N GLN A 388 0.81 -14.53 19.50
CA GLN A 388 0.87 -14.83 20.93
C GLN A 388 -0.44 -15.39 21.46
N ILE A 389 -1.57 -14.74 21.14
CA ILE A 389 -2.88 -15.17 21.52
C ILE A 389 -3.15 -16.62 20.99
N LEU A 390 -2.99 -16.70 19.65
CA LEU A 390 -3.30 -17.98 18.99
C LEU A 390 -2.57 -19.11 19.70
N LEU A 391 -1.28 -18.97 19.94
CA LEU A 391 -0.54 -20.03 20.59
C LEU A 391 -0.96 -20.16 22.06
N GLN A 392 -1.51 -19.13 22.71
CA GLN A 392 -1.90 -19.27 24.11
C GLN A 392 -3.17 -20.10 24.16
N ASP A 393 -4.12 -19.76 23.28
CA ASP A 393 -5.37 -20.52 23.14
C ASP A 393 -5.04 -21.98 22.81
N LEU A 394 -4.09 -22.20 21.94
CA LEU A 394 -3.64 -23.53 21.58
C LEU A 394 -3.20 -24.32 22.82
N LYS A 395 -2.37 -23.68 23.63
CA LYS A 395 -1.76 -24.26 24.81
C LYS A 395 -2.78 -24.52 25.92
N ALA A 396 -3.83 -23.70 25.94
CA ALA A 396 -4.89 -23.84 26.94
C ALA A 396 -5.95 -24.86 26.50
N GLY A 397 -5.76 -25.38 25.27
CA GLY A 397 -6.66 -26.36 24.71
C GLY A 397 -7.97 -25.79 24.27
N HIS A 398 -8.01 -24.62 23.65
CA HIS A 398 -9.29 -24.03 23.23
C HIS A 398 -9.52 -24.11 21.74
N LEU A 399 -8.69 -24.94 21.10
CA LEU A 399 -8.79 -25.27 19.68
C LEU A 399 -9.11 -26.78 19.64
N PRO A 400 -9.82 -27.21 18.63
CA PRO A 400 -10.21 -28.62 18.47
C PRO A 400 -9.04 -29.53 18.75
N SER A 401 -9.22 -30.69 19.39
CA SER A 401 -8.07 -31.55 19.68
C SER A 401 -7.79 -32.75 18.82
N GLY A 402 -6.60 -33.33 19.07
CA GLY A 402 -6.12 -34.48 18.37
C GLY A 402 -5.37 -34.19 17.06
N PRO A 403 -6.06 -34.50 15.95
CA PRO A 403 -5.60 -34.44 14.59
C PRO A 403 -6.30 -33.72 13.47
N ARG A 404 -5.61 -33.01 12.59
CA ARG A 404 -6.18 -32.31 11.45
C ARG A 404 -5.27 -32.54 10.24
N PRO A 405 -5.89 -32.64 9.07
CA PRO A 405 -5.16 -32.96 7.85
C PRO A 405 -4.39 -31.85 7.20
N GLY A 406 -4.78 -30.60 7.42
CA GLY A 406 -4.04 -29.52 6.80
C GLY A 406 -4.04 -29.50 5.29
N SER A 407 -2.85 -29.42 4.69
CA SER A 407 -2.74 -29.31 3.24
C SER A 407 -3.17 -30.56 2.49
N ALA A 408 -3.02 -31.72 3.11
CA ALA A 408 -3.39 -33.02 2.54
C ALA A 408 -4.85 -32.97 2.08
N PHE A 409 -5.73 -32.43 2.92
CA PHE A 409 -7.13 -32.26 2.59
C PHE A 409 -7.27 -31.15 1.56
N ILE A 410 -6.86 -29.93 1.87
CA ILE A 410 -6.95 -28.77 0.99
C ILE A 410 -6.33 -28.99 -0.38
N LYS A 411 -5.19 -29.70 -0.46
CA LYS A 411 -4.58 -29.97 -1.75
C LYS A 411 -5.56 -30.74 -2.61
N ALA A 412 -6.16 -31.79 -2.04
CA ALA A 412 -7.19 -32.54 -2.75
C ALA A 412 -8.21 -31.59 -3.37
N LEU A 413 -8.81 -30.71 -2.56
CA LEU A 413 -9.85 -29.83 -3.13
C LEU A 413 -9.31 -29.01 -4.29
N LEU A 414 -8.14 -28.38 -4.17
CA LEU A 414 -7.58 -27.61 -5.28
C LEU A 414 -7.39 -28.48 -6.52
N ASP A 415 -6.74 -29.65 -6.43
CA ASP A 415 -6.54 -30.55 -7.54
C ASP A 415 -7.86 -30.80 -8.30
N SER A 416 -8.87 -31.20 -7.53
CA SER A 416 -10.17 -31.47 -8.12
C SER A 416 -10.75 -30.23 -8.78
N ARG A 417 -10.41 -29.02 -8.38
CA ARG A 417 -10.98 -27.84 -9.00
C ARG A 417 -10.07 -27.34 -10.10
N GLY A 418 -8.93 -27.97 -10.31
CA GLY A 418 -8.03 -27.53 -11.38
C GLY A 418 -7.32 -26.22 -11.07
N VAL A 419 -6.97 -26.06 -9.80
CA VAL A 419 -6.22 -24.89 -9.33
C VAL A 419 -4.80 -25.38 -9.05
N TRP A 420 -3.86 -24.80 -9.78
CA TRP A 420 -2.45 -25.10 -9.67
C TRP A 420 -1.72 -24.16 -8.70
N PRO A 421 -1.41 -24.66 -7.51
CA PRO A 421 -0.73 -23.93 -6.49
C PRO A 421 0.78 -23.82 -6.74
N VAL A 422 1.31 -22.64 -6.40
CA VAL A 422 2.69 -22.24 -6.51
C VAL A 422 3.39 -22.41 -5.16
N SER A 423 4.38 -23.26 -5.09
CA SER A 423 5.15 -23.52 -3.90
C SER A 423 6.21 -22.44 -3.67
N PHE A 424 7.05 -22.58 -2.64
CA PHE A 424 8.05 -21.53 -2.42
C PHE A 424 9.15 -21.61 -3.46
N SER A 425 9.58 -22.83 -3.74
CA SER A 425 10.50 -23.25 -4.75
C SER A 425 10.12 -22.68 -6.13
N ASP A 426 8.82 -22.79 -6.40
CA ASP A 426 8.26 -22.27 -7.65
C ASP A 426 8.48 -20.76 -7.70
N TRP A 427 8.26 -20.11 -6.55
CA TRP A 427 8.56 -18.67 -6.52
C TRP A 427 10.07 -18.43 -6.69
N GLU A 428 10.89 -19.34 -6.14
CA GLU A 428 12.33 -19.14 -6.27
C GLU A 428 12.72 -19.25 -7.75
N LYS A 429 12.08 -20.14 -8.50
CA LYS A 429 12.29 -20.25 -9.93
C LYS A 429 11.77 -19.01 -10.64
N LEU A 430 10.69 -18.41 -10.14
CA LEU A 430 10.16 -17.21 -10.79
C LEU A 430 11.07 -16.03 -10.53
N ASP A 431 11.60 -15.99 -9.31
CA ASP A 431 12.53 -14.95 -8.85
C ASP A 431 13.76 -14.97 -9.79
N ALA A 432 14.39 -16.12 -9.95
CA ALA A 432 15.56 -16.25 -10.81
C ALA A 432 15.31 -15.58 -12.16
N GLU A 433 14.24 -15.98 -12.85
CA GLU A 433 13.91 -15.42 -14.15
C GLU A 433 13.77 -13.90 -14.10
N GLU A 434 13.21 -13.33 -13.02
CA GLU A 434 13.04 -11.88 -12.98
C GLU A 434 14.40 -11.24 -12.87
N VAL A 435 15.30 -11.91 -12.15
CA VAL A 435 16.65 -11.39 -11.96
C VAL A 435 17.41 -11.45 -13.28
N SER A 436 17.45 -12.63 -13.89
CA SER A 436 18.11 -12.84 -15.17
C SER A 436 17.66 -11.84 -16.23
N ARG A 437 16.38 -11.46 -16.29
CA ARG A 437 15.93 -10.50 -17.29
C ARG A 437 16.07 -9.04 -16.88
N GLY A 438 16.68 -8.79 -15.73
CA GLY A 438 16.93 -7.41 -15.31
C GLY A 438 18.43 -7.12 -15.39
N GLN A 439 19.22 -8.17 -15.60
CA GLN A 439 20.66 -8.07 -15.69
C GLN A 439 21.13 -7.25 -16.89
N ALA A 440 20.54 -7.51 -18.05
CA ALA A 440 20.89 -6.80 -19.27
C ALA A 440 20.72 -5.30 -19.11
N SER A 441 19.62 -4.86 -18.51
CA SER A 441 19.38 -3.44 -18.34
C SER A 441 19.77 -2.83 -17.02
N GLY A 442 20.64 -3.42 -16.21
CA GLY A 442 21.07 -2.81 -14.97
C GLY A 442 20.20 -2.86 -13.74
N LYS A 443 19.00 -3.37 -13.80
CA LYS A 443 17.99 -3.52 -12.78
C LYS A 443 18.13 -4.74 -11.87
N PRO A 444 17.64 -4.65 -10.64
CA PRO A 444 17.63 -5.73 -9.68
C PRO A 444 16.73 -6.89 -10.15
N ARG A 445 15.70 -6.53 -10.92
CA ARG A 445 14.81 -7.51 -11.52
C ARG A 445 13.91 -6.78 -12.52
N GLU A 446 13.39 -7.46 -13.51
CA GLU A 446 12.39 -6.97 -14.44
C GLU A 446 11.21 -7.93 -14.13
N LYS A 447 10.23 -7.40 -13.43
CA LYS A 447 9.08 -8.17 -13.01
C LYS A 447 8.28 -8.83 -14.12
N LEU A 448 7.79 -10.03 -13.84
CA LEU A 448 6.94 -10.79 -14.74
C LEU A 448 5.50 -10.37 -14.49
N LEU A 449 4.84 -9.84 -15.50
CA LEU A 449 3.48 -9.37 -15.43
C LEU A 449 2.40 -10.34 -15.86
N ASP A 450 2.73 -11.40 -16.59
CA ASP A 450 1.72 -12.33 -17.10
C ASP A 450 1.70 -13.68 -16.44
N PRO A 451 0.64 -13.92 -15.66
CA PRO A 451 0.41 -15.14 -14.94
C PRO A 451 0.44 -16.41 -15.76
N GLN A 452 -0.11 -16.41 -16.99
CA GLN A 452 -0.05 -17.57 -17.87
C GLN A 452 1.43 -17.91 -18.15
N GLU A 453 2.14 -16.87 -18.59
CA GLU A 453 3.55 -17.02 -18.89
C GLU A 453 4.33 -17.56 -17.69
N MET A 454 4.05 -17.01 -16.52
CA MET A 454 4.62 -17.45 -15.26
C MET A 454 4.29 -18.90 -14.95
N LEU A 455 3.06 -19.34 -15.23
CA LEU A 455 2.67 -20.72 -14.97
C LEU A 455 3.33 -21.70 -15.91
N ARG A 456 3.54 -21.28 -17.16
CA ARG A 456 4.19 -22.11 -18.16
C ARG A 456 5.69 -22.21 -17.84
N LEU A 457 6.34 -21.17 -17.30
CA LEU A 457 7.78 -21.31 -17.00
C LEU A 457 8.00 -22.35 -15.90
N LEU A 458 6.97 -22.61 -15.11
CA LEU A 458 6.92 -23.56 -14.04
C LEU A 458 6.57 -24.97 -14.51
N GLY A 459 6.18 -25.12 -15.76
CA GLY A 459 5.86 -26.42 -16.29
C GLY A 459 4.38 -26.75 -16.37
N HIS A 460 3.50 -25.74 -16.25
CA HIS A 460 2.08 -26.13 -16.36
C HIS A 460 1.54 -25.89 -17.77
PA FAD B . -0.62 -6.62 2.47
O1A FAD B . -1.62 -5.85 1.69
O2A FAD B . 0.73 -6.45 2.40
O5B FAD B . -0.84 -8.02 1.91
C5B FAD B . -1.63 -9.12 2.40
C4B FAD B . -1.71 -10.20 1.31
O4B FAD B . -3.04 -10.87 1.27
C3B FAD B . -1.43 -9.82 -0.16
O3B FAD B . -0.21 -10.28 -0.69
C2B FAD B . -2.69 -10.21 -0.91
O2B FAD B . -2.43 -10.63 -2.20
C1B FAD B . -3.11 -11.41 -0.09
N9A FAD B . -4.51 -11.71 -0.33
C8A FAD B . -5.49 -10.78 -0.50
N7A FAD B . -6.67 -11.32 -0.74
C5A FAD B . -6.44 -12.68 -0.73
C6A FAD B . -7.35 -13.80 -0.94
N6A FAD B . -8.63 -13.68 -1.17
N1A FAD B . -6.76 -15.04 -0.87
C2A FAD B . -5.42 -15.18 -0.63
N3A FAD B . -4.54 -14.22 -0.43
C4A FAD B . -5.09 -12.97 -0.50
N1 FAD B . 5.08 0.56 5.02
C2 FAD B . 6.30 0.86 5.42
O2 FAD B . 6.69 0.55 6.50
N3 FAD B . 7.21 1.53 4.55
C4 FAD B . 6.85 1.95 3.31
O4 FAD B . 7.59 2.51 2.55
C4X FAD B . 5.51 1.65 2.90
N5 FAD B . 5.14 2.02 1.69
C5X FAD B . 3.85 1.74 1.33
C6 FAD B . 3.44 2.14 0.06
C7 FAD B . 2.18 1.90 -0.35
C7M FAD B . 1.67 2.29 -1.73
C8 FAD B . 1.25 1.22 0.52
C8M FAD B . -0.14 0.98 0.01
C9 FAD B . 1.65 0.81 1.77
C9A FAD B . 2.94 1.07 2.18
N10 FAD B . 3.39 0.71 3.45
C10 FAD B . 4.66 0.95 3.81
C1' FAD B . 2.46 0.12 4.43
C2' FAD B . 2.66 -1.44 4.20
O2' FAD B . 2.58 -1.57 2.80
C3' FAD B . 1.58 -2.13 5.01
O3' FAD B . 2.00 -1.84 6.38
C4' FAD B . 1.64 -3.65 4.91
O4' FAD B . 2.11 -4.22 3.68
C5' FAD B . 0.23 -4.22 5.25
O5' FAD B . 0.48 -5.77 5.49
P FAD B . -0.60 -6.83 5.32
O1P FAD B . 0.25 -8.13 5.55
O2P FAD B . -1.70 -6.64 6.15
O3P FAD B . -1.19 -6.67 3.99
#